data_3AI0
#
_entry.id   3AI0
#
_cell.length_a   93.089
_cell.length_b   68.755
_cell.length_c   75.746
_cell.angle_alpha   90.00
_cell.angle_beta   95.68
_cell.angle_gamma   90.00
#
_symmetry.space_group_name_H-M   'C 1 2 1'
#
loop_
_entity.id
_entity.type
_entity.pdbx_description
1 polymer beta-glucosidase
2 non-polymer '4-nitrophenyl beta-D-glucopyranoside'
3 non-polymer GLYCEROL
4 water water
#
_entity_poly.entity_id   1
_entity_poly.type   'polypeptide(L)'
_entity_poly.pdbx_seq_one_letter_code
;MDVASSDTVYTFPDEFKLGAATASYQIEGAWDENGKGPNIWDTLTHEHPDYVVDGATGDIADDSYHLYKEDVKILKELGA
QVYRFSISWARVLPEGHDNIVNQDGIDYYNNLINELLANGIEPMVTMYHWDLPQALQDLGGWPNLVLAKYSENYARVLFK
NFGDRVKLWLTFNDPLTFMDGYASEIGMAPSINTPGIGDYLAAHTVIHAHARIYHLYDQEFRAEQGGKVGISLNINWCEP
ATNSAEDRASCENYQQFNLGLYAHPIFTEEGDYPAVLKDRVSRNSADEGYTDSRLPQFTAEEVEYIRGTHDFLGINFYTA
LLGKSGVEGYEPSRYRDSGVILTQDAAWPISASSWLKVVPWGFRKELNWIKNEYNNPPVFITENGFSDYGGLNDTGRVHY
YTEHLKEMLKAIHEDGVNVIGYTAWSLMDNFEWLRGYSEKFGIYAVDFEDPARPRIPKESAKVLAEIMNTRKIPERFRDL
EHHHHHH
;
_entity_poly.pdbx_strand_id   A
#
loop_
_chem_comp.id
_chem_comp.type
_chem_comp.name
_chem_comp.formula
GOL non-polymer GLYCEROL 'C3 H8 O3'
PNW D-saccharide '4-nitrophenyl beta-D-glucopyranoside' 'C12 H15 N O8'
#
# COMPACT_ATOMS: atom_id res chain seq x y z
N THR A 8 -26.18 -13.54 -9.27
CA THR A 8 -25.82 -12.97 -7.94
C THR A 8 -24.32 -12.97 -7.66
N VAL A 9 -23.60 -14.01 -8.07
CA VAL A 9 -22.16 -14.04 -7.84
C VAL A 9 -21.44 -12.97 -8.65
N TYR A 10 -22.16 -12.30 -9.56
CA TYR A 10 -21.59 -11.26 -10.41
C TYR A 10 -22.04 -9.85 -10.02
N THR A 11 -22.77 -9.73 -8.91
CA THR A 11 -23.33 -8.46 -8.47
C THR A 11 -22.63 -7.98 -7.20
N PHE A 12 -22.33 -6.69 -7.13
CA PHE A 12 -21.71 -6.16 -5.92
C PHE A 12 -22.75 -5.99 -4.79
N PRO A 13 -22.38 -6.32 -3.55
CA PRO A 13 -23.30 -6.01 -2.46
C PRO A 13 -23.64 -4.52 -2.45
N ASP A 14 -24.84 -4.17 -1.98
CA ASP A 14 -25.32 -2.79 -2.04
C ASP A 14 -24.41 -1.77 -1.37
N GLU A 15 -23.83 -2.15 -0.22
CA GLU A 15 -23.01 -1.23 0.54
C GLU A 15 -21.53 -1.23 0.16
N PHE A 16 -21.16 -2.10 -0.77
CA PHE A 16 -19.76 -2.25 -1.18
C PHE A 16 -19.28 -0.96 -1.84
N LYS A 17 -18.08 -0.49 -1.48
CA LYS A 17 -17.57 0.76 -2.02
C LYS A 17 -16.58 0.56 -3.16
N LEU A 18 -16.87 1.16 -4.31
CA LEU A 18 -15.99 1.03 -5.47
C LEU A 18 -15.36 2.38 -5.77
N GLY A 19 -14.08 2.38 -6.14
CA GLY A 19 -13.44 3.63 -6.52
C GLY A 19 -12.06 3.43 -7.09
N ALA A 20 -11.19 4.44 -6.95
CA ALA A 20 -9.84 4.38 -7.49
C ALA A 20 -8.91 5.09 -6.51
N ALA A 21 -7.60 4.90 -6.71
CA ALA A 21 -6.59 5.31 -5.73
C ALA A 21 -5.36 5.93 -6.39
N THR A 22 -4.65 6.74 -5.60
CA THR A 22 -3.38 7.36 -6.00
C THR A 22 -2.48 7.50 -4.76
N ALA A 23 -1.26 8.00 -4.98
CA ALA A 23 -0.30 8.33 -3.92
C ALA A 23 0.36 9.68 -4.22
N SER A 24 0.69 10.40 -3.15
CA SER A 24 1.13 11.79 -3.23
C SER A 24 2.36 11.99 -4.12
N TYR A 25 3.44 11.30 -3.82
CA TYR A 25 4.66 11.58 -4.58
C TYR A 25 4.46 11.14 -6.02
N GLN A 26 3.61 10.13 -6.23
CA GLN A 26 3.42 9.62 -7.58
C GLN A 26 2.66 10.57 -8.50
N ILE A 27 1.86 11.47 -7.94
CA ILE A 27 0.99 12.35 -8.74
C ILE A 27 1.15 13.85 -8.52
N GLU A 28 1.55 14.30 -7.33
CA GLU A 28 1.36 15.72 -7.02
C GLU A 28 2.24 16.74 -7.73
N GLY A 29 3.53 16.42 -7.87
CA GLY A 29 4.49 17.45 -8.27
C GLY A 29 4.64 18.52 -7.21
N ALA A 30 4.91 19.75 -7.65
CA ALA A 30 5.03 20.86 -6.70
C ALA A 30 5.88 20.51 -5.49
N TRP A 31 7.00 19.87 -5.78
CA TRP A 31 7.83 19.23 -4.75
C TRP A 31 8.43 20.20 -3.73
N ASP A 32 8.66 21.45 -4.15
CA ASP A 32 9.19 22.49 -3.26
C ASP A 32 8.34 23.76 -3.28
N GLU A 33 7.08 23.64 -3.67
CA GLU A 33 6.21 24.80 -3.81
C GLU A 33 5.53 25.18 -2.50
N ASN A 34 5.40 26.49 -2.29
CA ASN A 34 4.64 27.02 -1.16
C ASN A 34 4.93 26.35 0.18
N GLY A 35 6.21 26.28 0.52
CA GLY A 35 6.59 25.81 1.85
C GLY A 35 6.79 24.32 2.04
N LYS A 36 6.50 23.49 1.04
CA LYS A 36 6.69 22.05 1.22
C LYS A 36 8.15 21.74 1.48
N GLY A 37 8.43 20.88 2.46
CA GLY A 37 9.79 20.46 2.77
C GLY A 37 10.18 19.24 1.97
N PRO A 38 11.49 18.91 1.94
CA PRO A 38 11.98 17.77 1.15
C PRO A 38 11.68 16.45 1.83
N ASN A 39 11.40 15.45 1.00
CA ASN A 39 11.20 14.10 1.50
C ASN A 39 12.26 13.17 0.89
N ILE A 40 12.25 11.90 1.29
CA ILE A 40 13.31 10.98 0.88
C ILE A 40 13.27 10.63 -0.61
N TRP A 41 12.14 10.87 -1.27
CA TRP A 41 12.04 10.61 -2.71
C TRP A 41 12.55 11.82 -3.48
N ASP A 42 12.33 13.03 -2.97
CA ASP A 42 13.02 14.21 -3.50
C ASP A 42 14.53 13.95 -3.46
N THR A 43 15.02 13.45 -2.33
CA THR A 43 16.45 13.20 -2.18
C THR A 43 16.92 12.13 -3.14
N LEU A 44 16.19 11.02 -3.23
CA LEU A 44 16.64 9.91 -4.08
C LEU A 44 16.67 10.36 -5.54
N THR A 45 15.61 11.00 -6.01
CA THR A 45 15.56 11.31 -7.44
C THR A 45 16.48 12.45 -7.82
N HIS A 46 16.79 13.32 -6.86
CA HIS A 46 17.72 14.41 -7.14
C HIS A 46 19.20 14.01 -7.03
N GLU A 47 19.51 13.21 -6.02
CA GLU A 47 20.90 12.82 -5.74
C GLU A 47 21.33 11.52 -6.42
N HIS A 48 20.38 10.63 -6.68
CA HIS A 48 20.68 9.32 -7.28
C HIS A 48 19.80 9.03 -8.49
N PRO A 49 19.86 9.89 -9.52
CA PRO A 49 19.06 9.58 -10.70
C PRO A 49 19.48 8.27 -11.38
N ASP A 50 20.68 7.80 -11.10
CA ASP A 50 21.14 6.50 -11.61
C ASP A 50 20.34 5.32 -11.02
N TYR A 51 19.57 5.57 -9.96
CA TYR A 51 18.74 4.49 -9.43
C TYR A 51 17.40 4.36 -10.16
N VAL A 52 17.03 5.36 -10.95
CA VAL A 52 15.69 5.46 -11.53
C VAL A 52 15.74 5.35 -13.05
N VAL A 53 14.81 4.61 -13.64
CA VAL A 53 14.74 4.55 -15.11
C VAL A 53 14.63 5.97 -15.69
N ASP A 54 15.44 6.26 -16.70
CA ASP A 54 15.48 7.56 -17.39
C ASP A 54 15.89 8.72 -16.48
N GLY A 55 16.35 8.43 -15.25
CA GLY A 55 16.68 9.51 -14.31
C GLY A 55 15.47 10.36 -14.02
N ALA A 56 14.29 9.75 -14.02
CA ALA A 56 13.06 10.50 -13.80
C ALA A 56 12.90 11.00 -12.37
N THR A 57 12.13 12.07 -12.21
CA THR A 57 11.81 12.56 -10.87
C THR A 57 10.31 12.80 -10.74
N GLY A 58 9.85 12.93 -9.50
CA GLY A 58 8.47 13.35 -9.24
C GLY A 58 8.33 14.86 -9.05
N ASP A 59 9.21 15.65 -9.65
CA ASP A 59 9.17 17.10 -9.45
C ASP A 59 7.82 17.66 -9.92
N ILE A 60 7.34 17.16 -11.06
CA ILE A 60 6.04 17.54 -11.60
C ILE A 60 5.04 16.37 -11.58
N ALA A 61 5.45 15.19 -12.05
CA ALA A 61 4.55 14.02 -12.09
C ALA A 61 3.25 14.40 -12.83
N ASP A 62 2.09 14.10 -12.24
CA ASP A 62 0.80 14.46 -12.84
C ASP A 62 0.34 15.89 -12.53
N ASP A 63 1.15 16.61 -11.76
CA ASP A 63 0.85 17.99 -11.36
C ASP A 63 -0.48 18.09 -10.63
N SER A 64 -0.86 17.04 -9.88
CA SER A 64 -2.10 17.08 -9.12
C SER A 64 -2.17 18.12 -8.00
N TYR A 65 -1.03 18.66 -7.57
CA TYR A 65 -1.05 19.80 -6.66
C TYR A 65 -1.81 20.97 -7.29
N HIS A 66 -1.61 21.21 -8.58
CA HIS A 66 -2.33 22.25 -9.30
C HIS A 66 -3.61 21.77 -9.95
N LEU A 67 -3.66 20.50 -10.36
CA LEU A 67 -4.75 19.98 -11.17
C LEU A 67 -5.74 19.09 -10.42
N TYR A 68 -5.79 19.23 -9.11
CA TYR A 68 -6.70 18.38 -8.34
C TYR A 68 -8.16 18.45 -8.79
N LYS A 69 -8.61 19.60 -9.31
CA LYS A 69 -9.99 19.67 -9.79
C LYS A 69 -10.20 18.77 -10.99
N GLU A 70 -9.16 18.61 -11.81
CA GLU A 70 -9.24 17.68 -12.95
C GLU A 70 -9.33 16.23 -12.49
N ASP A 71 -8.64 15.93 -11.39
CA ASP A 71 -8.67 14.57 -10.84
C ASP A 71 -10.09 14.27 -10.36
N VAL A 72 -10.71 15.24 -9.71
CA VAL A 72 -12.10 15.04 -9.26
C VAL A 72 -13.06 14.90 -10.44
N LYS A 73 -12.82 15.69 -11.49
CA LYS A 73 -13.66 15.57 -12.69
C LYS A 73 -13.62 14.16 -13.28
N ILE A 74 -12.43 13.55 -13.36
CA ILE A 74 -12.35 12.20 -13.92
C ILE A 74 -12.89 11.15 -12.96
N LEU A 75 -12.75 11.38 -11.65
CA LEU A 75 -13.37 10.48 -10.70
C LEU A 75 -14.89 10.54 -10.81
N LYS A 76 -15.45 11.72 -11.08
CA LYS A 76 -16.89 11.86 -11.26
C LYS A 76 -17.31 11.16 -12.55
N GLU A 77 -16.53 11.31 -13.62
CA GLU A 77 -16.81 10.62 -14.88
C GLU A 77 -16.80 9.09 -14.69
N LEU A 78 -15.82 8.62 -13.95
CA LEU A 78 -15.68 7.20 -13.66
C LEU A 78 -16.84 6.69 -12.82
N GLY A 79 -17.43 7.54 -11.99
CA GLY A 79 -18.50 7.10 -11.10
C GLY A 79 -17.97 6.54 -9.80
N ALA A 80 -16.74 6.91 -9.43
CA ALA A 80 -16.15 6.44 -8.19
C ALA A 80 -16.98 6.87 -6.98
N GLN A 81 -17.23 5.96 -6.05
CA GLN A 81 -17.89 6.30 -4.78
C GLN A 81 -16.88 6.79 -3.75
N VAL A 82 -15.65 6.30 -3.84
CA VAL A 82 -14.58 6.61 -2.91
C VAL A 82 -13.30 6.89 -3.71
N TYR A 83 -12.53 7.86 -3.22
CA TYR A 83 -11.22 8.20 -3.79
C TYR A 83 -10.20 8.05 -2.67
N ARG A 84 -9.29 7.09 -2.84
CA ARG A 84 -8.22 6.94 -1.87
C ARG A 84 -6.97 7.66 -2.37
N PHE A 85 -6.50 8.62 -1.58
CA PHE A 85 -5.28 9.36 -1.90
C PHE A 85 -4.41 9.42 -0.66
N SER A 86 -3.15 9.79 -0.84
CA SER A 86 -2.30 9.94 0.34
C SER A 86 -1.90 11.39 0.57
N ILE A 87 -1.55 11.67 1.82
CA ILE A 87 -1.11 13.02 2.19
C ILE A 87 0.40 13.04 2.30
N SER A 88 1.01 14.05 1.70
CA SER A 88 2.47 14.24 1.78
C SER A 88 2.88 14.83 3.13
N TRP A 89 3.57 14.03 3.94
CA TRP A 89 3.92 14.47 5.30
C TRP A 89 4.66 15.80 5.26
N ALA A 90 5.67 15.90 4.38
CA ALA A 90 6.45 17.13 4.33
C ALA A 90 5.74 18.33 3.69
N ARG A 91 4.60 18.12 3.03
CA ARG A 91 3.81 19.26 2.56
C ARG A 91 3.06 19.88 3.75
N VAL A 92 2.71 19.05 4.73
CA VAL A 92 1.96 19.49 5.91
C VAL A 92 2.87 19.95 7.05
N LEU A 93 3.90 19.15 7.34
CA LEU A 93 4.89 19.44 8.38
C LEU A 93 6.26 19.43 7.68
N PRO A 94 6.71 20.62 7.23
CA PRO A 94 7.88 20.62 6.34
C PRO A 94 9.15 20.14 7.01
N GLU A 95 9.18 20.21 8.34
CA GLU A 95 10.33 19.79 9.13
C GLU A 95 10.17 18.39 9.73
N GLY A 96 9.04 17.77 9.40
CA GLY A 96 8.69 16.46 9.94
C GLY A 96 8.05 16.50 11.31
N HIS A 97 8.75 17.14 12.24
CA HIS A 97 8.23 17.43 13.57
C HIS A 97 7.02 18.37 13.46
N ASP A 98 6.19 18.44 14.51
CA ASP A 98 4.96 19.23 14.45
C ASP A 98 5.05 20.69 14.88
N ASN A 99 6.27 21.23 14.92
CA ASN A 99 6.47 22.63 15.31
C ASN A 99 5.95 23.61 14.28
N ILE A 100 6.07 23.24 13.00
CA ILE A 100 5.61 24.10 11.91
C ILE A 100 4.58 23.36 11.08
N VAL A 101 3.38 23.96 10.98
CA VAL A 101 2.31 23.44 10.14
C VAL A 101 2.22 24.38 8.95
N ASN A 102 2.39 23.82 7.75
CA ASN A 102 2.34 24.59 6.51
C ASN A 102 0.89 24.81 6.10
N GLN A 103 0.40 26.04 6.25
CA GLN A 103 -1.00 26.33 5.92
C GLN A 103 -1.33 26.06 4.45
N ASP A 104 -0.36 26.20 3.56
CA ASP A 104 -0.62 25.91 2.14
C ASP A 104 -0.99 24.43 1.96
N GLY A 105 -0.31 23.57 2.70
CA GLY A 105 -0.59 22.13 2.69
C GLY A 105 -1.97 21.81 3.24
N ILE A 106 -2.30 22.42 4.37
CA ILE A 106 -3.65 22.27 4.93
C ILE A 106 -4.71 22.72 3.92
N ASP A 107 -4.50 23.87 3.29
CA ASP A 107 -5.46 24.42 2.34
C ASP A 107 -5.59 23.49 1.12
N TYR A 108 -4.47 22.93 0.66
CA TYR A 108 -4.50 22.05 -0.51
C TYR A 108 -5.37 20.82 -0.25
N TYR A 109 -5.08 20.10 0.84
CA TYR A 109 -5.88 18.91 1.11
C TYR A 109 -7.33 19.22 1.47
N ASN A 110 -7.59 20.34 2.15
CA ASN A 110 -8.98 20.75 2.35
C ASN A 110 -9.65 21.04 1.01
N ASN A 111 -8.95 21.69 0.09
CA ASN A 111 -9.53 21.98 -1.23
C ASN A 111 -9.88 20.70 -1.97
N LEU A 112 -9.02 19.70 -1.89
CA LEU A 112 -9.30 18.41 -2.53
C LEU A 112 -10.48 17.72 -1.85
N ILE A 113 -10.45 17.62 -0.52
CA ILE A 113 -11.54 16.98 0.22
C ILE A 113 -12.88 17.65 -0.09
N ASN A 114 -12.91 18.98 -0.05
CA ASN A 114 -14.16 19.70 -0.29
C ASN A 114 -14.66 19.51 -1.73
N GLU A 115 -13.75 19.45 -2.69
CA GLU A 115 -14.13 19.24 -4.09
C GLU A 115 -14.73 17.85 -4.28
N LEU A 116 -14.12 16.86 -3.63
CA LEU A 116 -14.65 15.50 -3.62
C LEU A 116 -16.08 15.47 -3.06
N LEU A 117 -16.28 16.02 -1.87
CA LEU A 117 -17.60 16.01 -1.24
C LEU A 117 -18.66 16.74 -2.06
N ALA A 118 -18.29 17.85 -2.69
CA ALA A 118 -19.23 18.61 -3.51
C ALA A 118 -19.62 17.81 -4.74
N ASN A 119 -18.82 16.80 -5.08
CA ASN A 119 -19.08 15.95 -6.24
C ASN A 119 -19.55 14.55 -5.86
N GLY A 120 -19.95 14.40 -4.59
CA GLY A 120 -20.50 13.15 -4.09
C GLY A 120 -19.55 11.98 -3.98
N ILE A 121 -18.26 12.26 -3.77
CA ILE A 121 -17.23 11.23 -3.70
C ILE A 121 -16.65 11.23 -2.29
N GLU A 122 -16.54 10.06 -1.65
CA GLU A 122 -16.05 10.00 -0.28
C GLU A 122 -14.53 9.92 -0.26
N PRO A 123 -13.85 10.76 0.55
CA PRO A 123 -12.39 10.68 0.66
C PRO A 123 -11.93 9.56 1.59
N MET A 124 -10.88 8.85 1.17
CA MET A 124 -10.22 7.85 2.00
C MET A 124 -8.75 8.25 2.01
N VAL A 125 -8.20 8.55 3.18
CA VAL A 125 -6.85 9.09 3.26
C VAL A 125 -5.81 8.13 3.81
N THR A 126 -4.76 7.89 3.01
CA THR A 126 -3.58 7.18 3.50
C THR A 126 -2.58 8.19 4.05
N MET A 127 -2.23 8.06 5.33
CA MET A 127 -1.31 9.02 5.94
C MET A 127 0.11 8.92 5.39
N TYR A 128 0.58 7.71 5.12
CA TYR A 128 1.96 7.49 4.71
C TYR A 128 2.07 6.51 3.56
N HIS A 129 2.39 7.03 2.39
CA HIS A 129 2.71 6.21 1.22
C HIS A 129 4.13 6.50 0.72
N TRP A 130 5.09 6.37 1.63
CA TRP A 130 6.52 6.18 1.34
C TRP A 130 7.37 7.45 1.32
N ASP A 131 6.74 8.61 1.51
CA ASP A 131 7.39 9.91 1.34
C ASP A 131 7.79 10.55 2.69
N LEU A 132 8.69 9.91 3.42
CA LEU A 132 9.13 10.43 4.73
C LEU A 132 9.88 11.75 4.60
N PRO A 133 9.59 12.74 5.46
CA PRO A 133 10.38 13.97 5.43
C PRO A 133 11.88 13.65 5.62
N GLN A 134 12.74 14.31 4.83
CA GLN A 134 14.17 14.08 4.97
C GLN A 134 14.70 14.40 6.37
N ALA A 135 14.12 15.40 7.03
CA ALA A 135 14.59 15.75 8.37
C ALA A 135 14.45 14.58 9.36
N LEU A 136 13.48 13.68 9.11
CA LEU A 136 13.30 12.52 9.99
C LEU A 136 14.20 11.37 9.53
N GLN A 137 14.38 11.24 8.21
CA GLN A 137 15.39 10.27 7.73
C GLN A 137 16.77 10.58 8.28
N ASP A 138 17.08 11.87 8.48
CA ASP A 138 18.39 12.22 9.00
C ASP A 138 18.66 11.75 10.43
N LEU A 139 17.61 11.40 11.16
CA LEU A 139 17.73 10.80 12.49
C LEU A 139 17.87 9.27 12.38
N GLY A 140 17.86 8.74 11.15
CA GLY A 140 17.89 7.31 10.90
C GLY A 140 16.66 6.80 10.21
N GLY A 141 15.58 7.59 10.25
CA GLY A 141 14.31 7.18 9.63
C GLY A 141 13.67 6.02 10.37
N TRP A 142 13.00 5.14 9.63
CA TRP A 142 12.16 4.12 10.27
C TRP A 142 12.85 3.20 11.28
N PRO A 143 14.12 2.82 11.08
CA PRO A 143 14.78 2.03 12.12
C PRO A 143 14.88 2.70 13.49
N ASN A 144 14.70 4.02 13.55
CA ASN A 144 14.77 4.75 14.83
C ASN A 144 13.38 4.89 15.44
N LEU A 145 13.16 4.20 16.56
CA LEU A 145 11.87 4.11 17.22
C LEU A 145 11.29 5.48 17.60
N VAL A 146 12.11 6.52 17.68
CA VAL A 146 11.56 7.86 17.97
C VAL A 146 10.51 8.28 16.93
N LEU A 147 10.60 7.73 15.72
CA LEU A 147 9.61 8.06 14.69
C LEU A 147 8.20 7.60 15.02
N ALA A 148 8.01 6.71 16.00
CA ALA A 148 6.63 6.34 16.33
C ALA A 148 5.87 7.52 16.94
N LYS A 149 6.52 8.26 17.85
CA LYS A 149 5.89 9.43 18.46
C LYS A 149 5.76 10.54 17.42
N TYR A 150 6.73 10.67 16.51
CA TYR A 150 6.60 11.70 15.48
C TYR A 150 5.41 11.41 14.55
N SER A 151 5.17 10.12 14.32
CA SER A 151 4.03 9.68 13.49
C SER A 151 2.70 9.99 14.19
N GLU A 152 2.62 9.74 15.50
CA GLU A 152 1.44 10.12 16.26
C GLU A 152 1.16 11.61 16.10
N ASN A 153 2.20 12.45 16.23
CA ASN A 153 1.99 13.89 16.17
C ASN A 153 1.54 14.35 14.79
N TYR A 154 2.05 13.70 13.73
CA TYR A 154 1.61 13.97 12.37
C TYR A 154 0.14 13.58 12.18
N ALA A 155 -0.23 12.40 12.68
CA ALA A 155 -1.63 11.97 12.61
C ALA A 155 -2.55 12.93 13.36
N ARG A 156 -2.13 13.44 14.51
CA ARG A 156 -2.99 14.40 15.22
C ARG A 156 -3.32 15.61 14.36
N VAL A 157 -2.33 16.14 13.64
CA VAL A 157 -2.56 17.28 12.75
C VAL A 157 -3.55 16.91 11.66
N LEU A 158 -3.44 15.69 11.13
CA LEU A 158 -4.39 15.24 10.10
C LEU A 158 -5.82 15.07 10.65
N PHE A 159 -5.95 14.38 11.78
CA PHE A 159 -7.29 14.21 12.36
C PHE A 159 -7.89 15.56 12.71
N LYS A 160 -7.11 16.46 13.33
CA LYS A 160 -7.63 17.77 13.73
C LYS A 160 -8.16 18.59 12.55
N ASN A 161 -7.39 18.61 11.46
CA ASN A 161 -7.74 19.46 10.32
C ASN A 161 -8.74 18.87 9.35
N PHE A 162 -8.71 17.55 9.19
CA PHE A 162 -9.48 16.91 8.13
C PHE A 162 -10.54 15.90 8.59
N GLY A 163 -10.49 15.50 9.86
CA GLY A 163 -11.31 14.40 10.35
C GLY A 163 -12.80 14.70 10.47
N ASP A 164 -13.18 15.98 10.43
CA ASP A 164 -14.59 16.33 10.40
C ASP A 164 -15.22 15.88 9.09
N ARG A 165 -14.42 15.70 8.03
CA ARG A 165 -14.93 15.32 6.71
C ARG A 165 -14.40 13.99 6.21
N VAL A 166 -13.24 13.56 6.71
CA VAL A 166 -12.68 12.28 6.32
C VAL A 166 -13.04 11.25 7.38
N LYS A 167 -13.67 10.15 6.94
CA LYS A 167 -14.09 9.11 7.88
C LYS A 167 -13.45 7.76 7.62
N LEU A 168 -12.54 7.68 6.64
CA LEU A 168 -11.82 6.44 6.33
C LEU A 168 -10.34 6.79 6.27
N TRP A 169 -9.54 6.12 7.08
CA TRP A 169 -8.12 6.38 7.21
C TRP A 169 -7.30 5.10 7.09
N LEU A 170 -6.14 5.21 6.46
CA LEU A 170 -5.13 4.15 6.52
C LEU A 170 -3.91 4.83 7.12
N THR A 171 -3.28 4.19 8.10
CA THR A 171 -2.06 4.78 8.69
C THR A 171 -0.92 4.68 7.69
N PHE A 172 -0.59 3.45 7.31
CA PHE A 172 0.52 3.18 6.41
C PHE A 172 0.10 2.39 5.18
N ASN A 173 0.76 2.69 4.07
CA ASN A 173 0.64 1.87 2.88
C ASN A 173 1.87 0.96 2.74
N ASP A 174 1.64 -0.34 2.86
CA ASP A 174 2.65 -1.37 2.52
C ASP A 174 4.05 -1.17 3.12
N PRO A 175 4.16 -1.34 4.46
CA PRO A 175 5.46 -1.29 5.10
C PRO A 175 6.33 -2.50 4.69
N LEU A 176 5.75 -3.60 4.22
CA LEU A 176 6.58 -4.73 3.79
C LEU A 176 7.51 -4.23 2.68
N THR A 177 6.98 -3.42 1.76
CA THR A 177 7.84 -2.88 0.72
C THR A 177 8.70 -1.73 1.22
N PHE A 178 8.14 -0.75 1.93
CA PHE A 178 8.97 0.40 2.30
C PHE A 178 10.06 0.07 3.33
N MET A 179 9.89 -1.00 4.12
CA MET A 179 10.97 -1.40 5.01
C MET A 179 12.19 -1.84 4.18
N ASP A 180 11.95 -2.27 2.94
CA ASP A 180 13.02 -2.73 2.04
C ASP A 180 13.91 -1.56 1.60
N GLY A 181 13.47 -0.32 1.82
CA GLY A 181 14.34 0.82 1.61
C GLY A 181 15.55 0.81 2.53
N TYR A 182 15.54 -0.04 3.56
CA TYR A 182 16.65 -0.22 4.49
C TYR A 182 17.34 -1.58 4.28
N ALA A 183 17.13 -2.16 3.10
CA ALA A 183 17.74 -3.45 2.78
C ALA A 183 18.52 -3.47 1.45
N SER A 184 18.86 -2.30 0.90
CA SER A 184 19.66 -2.23 -0.31
C SER A 184 20.27 -0.84 -0.47
N GLU A 185 21.49 -0.76 -0.98
CA GLU A 185 22.09 0.54 -1.24
C GLU A 185 21.57 1.21 -2.51
N ILE A 186 20.96 0.45 -3.41
CA ILE A 186 20.45 1.03 -4.67
C ILE A 186 18.94 0.94 -4.88
N GLY A 187 18.19 0.63 -3.84
CA GLY A 187 16.75 0.42 -4.00
C GLY A 187 15.87 1.57 -3.56
N MET A 188 14.65 1.23 -3.16
CA MET A 188 13.65 2.18 -2.68
C MET A 188 14.28 3.12 -1.66
N ALA A 189 13.82 4.38 -1.63
CA ALA A 189 14.32 5.35 -0.66
C ALA A 189 14.10 4.83 0.77
N PRO A 190 15.06 5.06 1.68
CA PRO A 190 16.25 5.89 1.51
C PRO A 190 17.49 5.17 1.02
N SER A 191 17.32 3.97 0.46
CA SER A 191 18.43 3.26 -0.20
C SER A 191 19.60 2.99 0.74
N ILE A 192 19.30 2.38 1.87
CA ILE A 192 20.30 2.02 2.86
C ILE A 192 20.47 0.50 2.91
N ASN A 193 21.72 0.06 2.94
CA ASN A 193 22.04 -1.36 2.87
C ASN A 193 22.16 -2.01 4.26
N THR A 194 21.04 -2.24 4.93
CA THR A 194 21.05 -2.95 6.21
C THR A 194 20.09 -4.15 6.19
N PRO A 195 20.17 -5.02 5.17
CA PRO A 195 19.24 -6.14 5.10
C PRO A 195 19.33 -7.03 6.34
N GLY A 196 18.18 -7.56 6.74
CA GLY A 196 18.08 -8.48 7.86
C GLY A 196 18.27 -7.86 9.23
N ILE A 197 18.46 -6.54 9.28
CA ILE A 197 18.74 -5.82 10.52
C ILE A 197 17.93 -4.52 10.55
N GLY A 198 18.25 -3.58 9.64
CA GLY A 198 17.55 -2.30 9.65
C GLY A 198 16.14 -2.40 9.13
N ASP A 199 15.88 -3.31 8.18
CA ASP A 199 14.51 -3.46 7.74
C ASP A 199 13.63 -3.99 8.88
N TYR A 200 14.10 -4.96 9.68
CA TYR A 200 13.29 -5.39 10.83
C TYR A 200 13.09 -4.25 11.82
N LEU A 201 14.13 -3.43 12.06
CA LEU A 201 13.93 -2.30 12.98
C LEU A 201 12.86 -1.34 12.43
N ALA A 202 12.90 -1.12 11.12
CA ALA A 202 11.88 -0.26 10.51
C ALA A 202 10.46 -0.81 10.71
N ALA A 203 10.29 -2.12 10.52
CA ALA A 203 8.99 -2.74 10.71
C ALA A 203 8.49 -2.54 12.14
N HIS A 204 9.39 -2.72 13.09
CA HIS A 204 9.06 -2.59 14.51
C HIS A 204 8.57 -1.17 14.81
N THR A 205 9.26 -0.16 14.29
CA THR A 205 8.82 1.21 14.49
C THR A 205 7.45 1.48 13.85
N VAL A 206 7.26 0.99 12.62
CA VAL A 206 5.99 1.21 11.92
C VAL A 206 4.84 0.59 12.73
N ILE A 207 5.03 -0.61 13.29
CA ILE A 207 3.96 -1.26 14.05
C ILE A 207 3.62 -0.41 15.29
N HIS A 208 4.65 0.05 16.00
CA HIS A 208 4.45 0.93 17.15
C HIS A 208 3.73 2.20 16.72
N ALA A 209 4.15 2.79 15.60
CA ALA A 209 3.55 4.02 15.12
C ALA A 209 2.07 3.85 14.79
N HIS A 210 1.77 2.80 14.03
CA HIS A 210 0.39 2.47 13.71
C HIS A 210 -0.45 2.37 14.99
N ALA A 211 0.04 1.65 16.00
CA ALA A 211 -0.71 1.45 17.24
C ALA A 211 -0.90 2.79 17.95
N ARG A 212 0.13 3.64 17.98
CA ARG A 212 -0.03 4.97 18.62
C ARG A 212 -1.11 5.79 17.89
N ILE A 213 -1.11 5.71 16.56
CA ILE A 213 -2.08 6.48 15.78
C ILE A 213 -3.51 5.98 16.06
N TYR A 214 -3.70 4.66 16.11
CA TYR A 214 -5.04 4.13 16.37
C TYR A 214 -5.52 4.51 17.78
N HIS A 215 -4.63 4.38 18.78
CA HIS A 215 -5.03 4.80 20.13
C HIS A 215 -5.34 6.30 20.19
N LEU A 216 -4.55 7.09 19.47
CA LEU A 216 -4.80 8.54 19.42
C LEU A 216 -6.21 8.81 18.88
N TYR A 217 -6.59 8.12 17.81
CA TYR A 217 -7.92 8.31 17.25
C TYR A 217 -8.96 7.96 18.33
N ASP A 218 -8.81 6.81 18.98
CA ASP A 218 -9.75 6.45 20.05
C ASP A 218 -9.86 7.55 21.10
N GLN A 219 -8.70 8.05 21.56
CA GLN A 219 -8.68 8.96 22.71
C GLN A 219 -9.11 10.40 22.43
N GLU A 220 -8.72 10.91 21.26
CA GLU A 220 -8.88 12.33 20.96
C GLU A 220 -9.90 12.66 19.88
N PHE A 221 -10.34 11.69 19.09
CA PHE A 221 -11.15 11.99 17.91
C PHE A 221 -12.38 11.15 17.57
N ARG A 222 -12.40 9.86 17.92
CA ARG A 222 -13.43 8.94 17.46
C ARG A 222 -14.84 9.34 17.89
N ALA A 223 -14.98 9.73 19.15
CA ALA A 223 -16.32 10.06 19.63
C ALA A 223 -16.95 11.19 18.83
N GLU A 224 -16.15 12.20 18.50
CA GLU A 224 -16.65 13.33 17.71
C GLU A 224 -16.77 13.03 16.21
N GLN A 225 -15.79 12.31 15.67
CA GLN A 225 -15.69 12.15 14.23
C GLN A 225 -16.33 10.88 13.66
N GLY A 226 -16.30 9.80 14.42
CA GLY A 226 -17.00 8.57 14.03
C GLY A 226 -16.53 7.82 12.80
N GLY A 227 -15.23 7.91 12.53
CA GLY A 227 -14.63 7.27 11.37
C GLY A 227 -13.97 5.95 11.71
N LYS A 228 -13.20 5.43 10.74
CA LYS A 228 -12.58 4.12 10.87
C LYS A 228 -11.11 4.24 10.47
N VAL A 229 -10.25 3.51 11.17
CA VAL A 229 -8.81 3.52 10.93
C VAL A 229 -8.31 2.11 10.66
N GLY A 230 -7.64 1.93 9.53
CA GLY A 230 -6.99 0.66 9.21
C GLY A 230 -5.54 0.86 8.79
N ILE A 231 -4.97 -0.17 8.17
CA ILE A 231 -3.61 -0.18 7.65
C ILE A 231 -3.65 -0.99 6.35
N SER A 232 -2.83 -0.65 5.36
CA SER A 232 -2.82 -1.38 4.08
C SER A 232 -1.56 -2.23 3.99
N LEU A 233 -1.76 -3.54 3.79
CA LEU A 233 -0.67 -4.50 3.74
C LEU A 233 -0.68 -5.16 2.37
N ASN A 234 0.48 -5.24 1.75
CA ASN A 234 0.65 -5.89 0.45
C ASN A 234 1.01 -7.36 0.65
N ILE A 235 0.37 -8.24 -0.11
CA ILE A 235 0.67 -9.66 -0.06
C ILE A 235 0.31 -10.28 -1.41
N ASN A 236 1.14 -11.22 -1.84
CA ASN A 236 0.84 -12.04 -2.99
C ASN A 236 0.39 -13.43 -2.56
N TRP A 237 -0.35 -14.11 -3.43
CA TRP A 237 -0.62 -15.52 -3.18
C TRP A 237 0.68 -16.30 -3.38
N CYS A 238 0.88 -17.33 -2.57
CA CYS A 238 2.04 -18.22 -2.75
C CYS A 238 1.55 -19.65 -2.90
N GLU A 239 1.67 -20.19 -4.11
CA GLU A 239 1.14 -21.50 -4.44
C GLU A 239 2.22 -22.56 -4.28
N PRO A 240 1.92 -23.70 -3.65
CA PRO A 240 2.96 -24.71 -3.49
C PRO A 240 3.47 -25.21 -4.86
N ALA A 241 4.78 -25.24 -5.03
CA ALA A 241 5.36 -25.67 -6.30
C ALA A 241 4.94 -27.09 -6.66
N THR A 242 4.86 -27.93 -5.63
CA THR A 242 4.29 -29.27 -5.74
C THR A 242 3.32 -29.44 -4.56
N ASN A 243 2.50 -30.49 -4.60
CA ASN A 243 1.53 -30.72 -3.54
C ASN A 243 2.05 -31.29 -2.22
N SER A 244 3.36 -31.27 -2.02
CA SER A 244 3.92 -31.89 -0.82
C SER A 244 3.65 -31.08 0.45
N ALA A 245 3.71 -31.77 1.59
CA ALA A 245 3.59 -31.10 2.88
C ALA A 245 4.71 -30.08 3.05
N GLU A 246 5.91 -30.43 2.60
CA GLU A 246 7.07 -29.53 2.71
C GLU A 246 6.89 -28.25 1.89
N ASP A 247 6.36 -28.34 0.68
CA ASP A 247 6.15 -27.13 -0.11
C ASP A 247 4.99 -26.32 0.46
N ARG A 248 3.97 -27.00 0.99
CA ARG A 248 2.91 -26.28 1.70
C ARG A 248 3.47 -25.51 2.91
N ALA A 249 4.39 -26.13 3.65
CA ALA A 249 5.01 -25.45 4.80
C ALA A 249 5.73 -24.18 4.35
N SER A 250 6.36 -24.25 3.17
CA SER A 250 7.13 -23.11 2.69
C SER A 250 6.21 -21.93 2.32
N CYS A 251 5.02 -22.27 1.82
CA CYS A 251 4.03 -21.24 1.51
C CYS A 251 3.49 -20.57 2.77
N GLU A 252 3.26 -21.35 3.82
CA GLU A 252 2.83 -20.78 5.10
C GLU A 252 3.94 -19.87 5.64
N ASN A 253 5.20 -20.28 5.51
CA ASN A 253 6.31 -19.42 5.90
C ASN A 253 6.21 -18.09 5.15
N TYR A 254 6.01 -18.15 3.84
CA TYR A 254 5.86 -16.92 3.05
C TYR A 254 4.75 -16.03 3.60
N GLN A 255 3.57 -16.60 3.85
CA GLN A 255 2.49 -15.75 4.35
C GLN A 255 2.88 -15.10 5.68
N GLN A 256 3.51 -15.86 6.57
CA GLN A 256 3.82 -15.29 7.89
C GLN A 256 4.95 -14.26 7.83
N PHE A 257 5.91 -14.47 6.94
CA PHE A 257 7.05 -13.55 6.81
C PHE A 257 6.73 -12.28 6.04
N ASN A 258 5.60 -12.23 5.32
CA ASN A 258 5.27 -11.12 4.45
C ASN A 258 4.02 -10.41 4.90
N LEU A 259 2.95 -11.16 5.17
CA LEU A 259 1.71 -10.58 5.69
C LEU A 259 1.70 -10.64 7.23
N GLY A 260 2.05 -11.80 7.77
CA GLY A 260 1.99 -12.02 9.23
C GLY A 260 2.92 -11.12 10.03
N LEU A 261 4.04 -10.71 9.43
CA LEU A 261 4.99 -9.80 10.09
C LEU A 261 4.26 -8.58 10.65
N TYR A 262 3.31 -8.06 9.87
CA TYR A 262 2.52 -6.90 10.31
C TYR A 262 1.15 -7.26 10.84
N ALA A 263 0.53 -8.28 10.25
CA ALA A 263 -0.85 -8.58 10.62
C ALA A 263 -0.98 -9.40 11.90
N HIS A 264 0.00 -10.24 12.21
CA HIS A 264 -0.10 -11.01 13.45
C HIS A 264 -0.08 -10.09 14.68
N PRO A 265 0.82 -9.09 14.74
CA PRO A 265 0.76 -8.22 15.92
C PRO A 265 -0.55 -7.45 16.08
N ILE A 266 -1.18 -7.09 14.97
CA ILE A 266 -2.33 -6.18 14.98
C ILE A 266 -3.68 -6.89 14.95
N PHE A 267 -3.79 -7.90 14.10
CA PHE A 267 -5.11 -8.48 13.77
C PHE A 267 -5.50 -9.77 14.49
N THR A 268 -4.58 -10.35 15.26
CA THR A 268 -4.91 -11.58 16.00
C THR A 268 -5.22 -11.25 17.46
N GLU A 269 -5.85 -12.20 18.16
CA GLU A 269 -6.11 -12.05 19.58
C GLU A 269 -4.83 -12.17 20.40
N GLU A 270 -3.91 -13.00 19.91
CA GLU A 270 -2.64 -13.22 20.59
C GLU A 270 -1.68 -12.03 20.49
N GLY A 271 -1.65 -11.39 19.32
CA GLY A 271 -0.68 -10.35 19.06
C GLY A 271 0.73 -10.91 18.92
N ASP A 272 1.70 -10.00 18.95
CA ASP A 272 3.13 -10.32 18.77
C ASP A 272 3.41 -10.75 17.33
N TYR A 273 4.68 -10.88 16.99
CA TYR A 273 5.05 -11.42 15.68
C TYR A 273 4.65 -12.90 15.61
N PRO A 274 4.47 -13.44 14.39
CA PRO A 274 4.24 -14.88 14.27
C PRO A 274 5.36 -15.70 14.91
N ALA A 275 5.05 -16.84 15.52
CA ALA A 275 6.07 -17.67 16.13
C ALA A 275 7.17 -18.04 15.12
N VAL A 276 6.81 -18.41 13.90
CA VAL A 276 7.82 -18.87 12.93
C VAL A 276 8.82 -17.77 12.58
N LEU A 277 8.36 -16.52 12.65
CA LEU A 277 9.23 -15.39 12.40
C LEU A 277 10.23 -15.22 13.55
N LYS A 278 9.71 -15.19 14.78
CA LYS A 278 10.57 -15.13 15.94
C LYS A 278 11.57 -16.27 15.96
N ASP A 279 11.07 -17.49 15.74
CA ASP A 279 11.91 -18.66 15.92
C ASP A 279 12.99 -18.77 14.85
N ARG A 280 12.63 -18.58 13.58
CA ARG A 280 13.63 -18.73 12.52
C ARG A 280 14.70 -17.64 12.58
N VAL A 281 14.32 -16.41 12.92
CA VAL A 281 15.34 -15.36 13.03
C VAL A 281 16.22 -15.59 14.27
N SER A 282 15.64 -16.05 15.39
CA SER A 282 16.45 -16.35 16.56
C SER A 282 17.51 -17.41 16.28
N ARG A 283 17.08 -18.48 15.61
CA ARG A 283 17.99 -19.60 15.32
C ARG A 283 19.07 -19.11 14.36
N ASN A 284 18.68 -18.42 13.30
CA ASN A 284 19.68 -17.97 12.31
C ASN A 284 20.67 -16.98 12.95
N SER A 285 20.18 -16.09 13.80
CA SER A 285 21.07 -15.12 14.45
C SER A 285 22.08 -15.83 15.36
N ALA A 286 21.61 -16.81 16.13
CA ALA A 286 22.54 -17.58 16.95
C ALA A 286 23.58 -18.33 16.13
N ASP A 287 23.16 -18.96 15.03
CA ASP A 287 24.08 -19.74 14.21
C ASP A 287 25.15 -18.85 13.58
N GLU A 288 24.80 -17.60 13.32
CA GLU A 288 25.75 -16.65 12.73
C GLU A 288 26.62 -15.92 13.75
N GLY A 289 26.38 -16.17 15.03
CA GLY A 289 27.26 -15.65 16.06
C GLY A 289 26.82 -14.37 16.75
N TYR A 290 25.64 -13.85 16.42
CA TYR A 290 25.14 -12.68 17.14
C TYR A 290 24.79 -13.05 18.58
N THR A 291 25.11 -12.17 19.52
CA THR A 291 24.64 -12.33 20.90
C THR A 291 23.12 -12.19 20.99
N ASP A 292 22.57 -11.26 20.20
CA ASP A 292 21.15 -10.95 20.23
C ASP A 292 20.48 -11.27 18.90
N SER A 293 19.25 -11.78 18.96
CA SER A 293 18.47 -11.95 17.73
C SER A 293 18.40 -10.65 16.92
N ARG A 294 18.47 -10.81 15.59
CA ARG A 294 18.26 -9.66 14.72
C ARG A 294 16.81 -9.17 14.72
N LEU A 295 15.87 -9.96 15.22
CA LEU A 295 14.48 -9.51 15.25
C LEU A 295 14.23 -8.78 16.57
N PRO A 296 13.74 -7.53 16.52
CA PRO A 296 13.41 -6.82 17.76
C PRO A 296 12.27 -7.51 18.50
N GLN A 297 12.13 -7.21 19.79
CA GLN A 297 11.12 -7.88 20.62
C GLN A 297 10.08 -6.88 21.13
N PHE A 298 8.85 -7.33 21.28
CA PHE A 298 7.81 -6.55 21.98
C PHE A 298 7.70 -7.08 23.42
N THR A 299 7.56 -6.18 24.38
CA THR A 299 7.27 -6.60 25.75
C THR A 299 5.80 -7.04 25.81
N ALA A 300 5.41 -7.69 26.91
CA ALA A 300 4.02 -8.10 27.03
C ALA A 300 3.09 -6.90 26.98
N GLU A 301 3.47 -5.80 27.63
CA GLU A 301 2.63 -4.59 27.60
C GLU A 301 2.48 -4.06 26.18
N GLU A 302 3.56 -4.07 25.41
CA GLU A 302 3.48 -3.61 24.02
C GLU A 302 2.60 -4.54 23.18
N VAL A 303 2.70 -5.85 23.38
CA VAL A 303 1.87 -6.79 22.64
C VAL A 303 0.41 -6.44 22.88
N GLU A 304 0.04 -6.19 24.13
CA GLU A 304 -1.33 -5.86 24.46
C GLU A 304 -1.76 -4.51 23.87
N TYR A 305 -0.86 -3.53 23.88
CA TYR A 305 -1.16 -2.21 23.30
C TYR A 305 -1.41 -2.28 21.79
N ILE A 306 -0.61 -3.09 21.10
CA ILE A 306 -0.65 -3.16 19.63
C ILE A 306 -1.82 -4.01 19.12
N ARG A 307 -2.13 -5.11 19.79
CA ARG A 307 -3.15 -5.97 19.24
C ARG A 307 -4.53 -5.30 19.33
N GLY A 308 -5.34 -5.49 18.30
CA GLY A 308 -6.68 -4.92 18.27
C GLY A 308 -6.75 -3.51 17.73
N THR A 309 -5.63 -2.96 17.25
CA THR A 309 -5.62 -1.58 16.76
C THR A 309 -6.09 -1.52 15.30
N HIS A 310 -7.35 -1.84 15.07
CA HIS A 310 -7.86 -1.83 13.70
C HIS A 310 -9.38 -1.77 13.66
N ASP A 311 -9.89 -1.08 12.65
CA ASP A 311 -11.31 -1.09 12.28
C ASP A 311 -11.58 -1.86 10.98
N PHE A 312 -10.51 -2.10 10.22
CA PHE A 312 -10.56 -2.89 8.99
C PHE A 312 -9.12 -3.13 8.54
N LEU A 313 -8.96 -4.07 7.61
CA LEU A 313 -7.68 -4.42 7.00
C LEU A 313 -7.66 -3.98 5.54
N GLY A 314 -6.71 -3.13 5.18
CA GLY A 314 -6.48 -2.78 3.77
C GLY A 314 -5.54 -3.78 3.14
N ILE A 315 -5.89 -4.30 1.96
CA ILE A 315 -5.05 -5.23 1.22
C ILE A 315 -4.67 -4.71 -0.16
N ASN A 316 -3.37 -4.73 -0.45
CA ASN A 316 -2.84 -4.44 -1.77
C ASN A 316 -2.44 -5.79 -2.36
N PHE A 317 -3.08 -6.17 -3.47
CA PHE A 317 -2.88 -7.48 -4.07
C PHE A 317 -2.61 -7.33 -5.55
N TYR A 318 -1.51 -7.91 -6.05
CA TYR A 318 -1.18 -7.78 -7.47
C TYR A 318 -0.94 -9.10 -8.19
N THR A 319 -0.29 -10.06 -7.53
CA THR A 319 0.23 -11.22 -8.25
C THR A 319 0.38 -12.47 -7.38
N ALA A 320 1.05 -13.48 -7.92
CA ALA A 320 1.31 -14.74 -7.21
C ALA A 320 2.73 -15.21 -7.43
N LEU A 321 3.15 -16.12 -6.55
CA LEU A 321 4.46 -16.76 -6.60
C LEU A 321 4.24 -18.27 -6.43
N LEU A 322 5.25 -19.03 -6.83
CA LEU A 322 5.33 -20.44 -6.45
C LEU A 322 6.34 -20.56 -5.30
N GLY A 323 6.01 -21.35 -4.27
CA GLY A 323 6.92 -21.56 -3.15
C GLY A 323 7.32 -23.01 -3.02
N LYS A 324 8.61 -23.25 -2.80
CA LYS A 324 9.07 -24.60 -2.51
C LYS A 324 9.94 -24.61 -1.26
N SER A 325 10.03 -25.78 -0.65
CA SER A 325 10.81 -25.95 0.56
C SER A 325 12.29 -25.66 0.29
N GLY A 326 12.93 -24.93 1.18
CA GLY A 326 14.34 -24.58 1.05
C GLY A 326 14.63 -23.20 1.59
N VAL A 327 15.90 -22.82 1.50
CA VAL A 327 16.41 -21.55 1.99
C VAL A 327 17.29 -20.97 0.89
N GLU A 328 17.04 -19.71 0.55
CA GLU A 328 17.99 -19.01 -0.31
C GLU A 328 17.98 -17.53 0.03
N GLY A 329 18.93 -16.81 -0.56
CA GLY A 329 19.10 -15.39 -0.29
C GLY A 329 20.40 -15.13 0.45
N TYR A 330 20.72 -13.85 0.57
CA TYR A 330 21.95 -13.49 1.27
C TYR A 330 21.78 -13.50 2.79
N GLU A 331 22.88 -13.76 3.48
CA GLU A 331 22.92 -13.77 4.93
C GLU A 331 23.55 -12.45 5.39
N PRO A 332 22.80 -11.67 6.18
CA PRO A 332 21.42 -11.84 6.60
C PRO A 332 20.41 -11.15 5.70
N SER A 333 19.19 -11.67 5.63
CA SER A 333 18.12 -11.00 4.91
C SER A 333 16.79 -11.61 5.34
N ARG A 334 15.71 -10.85 5.16
CA ARG A 334 14.37 -11.35 5.47
C ARG A 334 14.05 -12.52 4.54
N TYR A 335 14.43 -12.46 3.26
CA TYR A 335 14.12 -13.57 2.36
C TYR A 335 14.81 -14.85 2.80
N ARG A 336 16.09 -14.76 3.17
CA ARG A 336 16.79 -15.95 3.64
C ARG A 336 16.15 -16.47 4.93
N ASP A 337 15.80 -15.58 5.84
CA ASP A 337 15.18 -15.99 7.10
C ASP A 337 13.85 -16.70 6.86
N SER A 338 13.13 -16.33 5.80
CA SER A 338 11.78 -16.83 5.59
C SER A 338 11.67 -18.30 5.22
N GLY A 339 12.75 -18.95 4.77
CA GLY A 339 12.66 -20.39 4.53
C GLY A 339 11.70 -20.83 3.44
N VAL A 340 11.72 -20.11 2.32
CA VAL A 340 10.97 -20.49 1.14
C VAL A 340 11.77 -20.10 -0.10
N ILE A 341 11.73 -20.94 -1.13
CA ILE A 341 12.34 -20.59 -2.42
C ILE A 341 11.20 -20.15 -3.33
N LEU A 342 11.26 -18.90 -3.78
CA LEU A 342 10.17 -18.29 -4.55
C LEU A 342 10.49 -18.16 -6.04
N THR A 343 9.52 -18.54 -6.88
CA THR A 343 9.67 -18.39 -8.32
C THR A 343 8.31 -17.98 -8.89
N GLN A 344 8.23 -17.80 -10.21
CA GLN A 344 6.93 -17.62 -10.85
C GLN A 344 6.85 -18.63 -12.01
N ASP A 345 5.64 -18.98 -12.42
CA ASP A 345 5.47 -19.93 -13.52
C ASP A 345 5.56 -19.16 -14.84
N ALA A 346 6.36 -19.69 -15.75
CA ALA A 346 6.54 -19.08 -17.06
C ALA A 346 5.26 -19.09 -17.88
N ALA A 347 4.30 -19.93 -17.52
CA ALA A 347 3.03 -19.97 -18.26
C ALA A 347 2.09 -18.81 -17.96
N TRP A 348 2.31 -18.16 -16.82
CA TRP A 348 1.40 -17.10 -16.41
C TRP A 348 1.53 -15.88 -17.32
N PRO A 349 0.41 -15.21 -17.63
CA PRO A 349 0.53 -14.04 -18.50
C PRO A 349 1.37 -12.94 -17.85
N ILE A 350 2.10 -12.20 -18.67
CA ILE A 350 3.04 -11.20 -18.20
C ILE A 350 2.44 -9.79 -18.26
N SER A 351 3.19 -8.83 -17.72
CA SER A 351 2.82 -7.41 -17.78
C SER A 351 4.05 -6.63 -18.23
N ALA A 352 4.05 -5.32 -18.00
CA ALA A 352 5.24 -4.49 -18.22
C ALA A 352 6.16 -4.40 -16.99
N SER A 353 5.84 -5.17 -15.94
CA SER A 353 6.66 -5.18 -14.73
C SER A 353 7.15 -6.61 -14.50
N SER A 354 8.46 -6.78 -14.34
CA SER A 354 9.08 -8.11 -14.22
C SER A 354 8.45 -9.01 -13.17
N TRP A 355 7.99 -8.37 -12.09
CA TRP A 355 7.49 -9.09 -10.92
C TRP A 355 5.99 -9.40 -10.99
N LEU A 356 5.31 -8.80 -11.95
CA LEU A 356 3.85 -8.85 -12.00
C LEU A 356 3.34 -9.80 -13.08
N LYS A 357 2.82 -10.95 -12.66
CA LYS A 357 2.20 -11.94 -13.53
C LYS A 357 0.71 -11.97 -13.21
N VAL A 358 -0.12 -12.34 -14.18
CA VAL A 358 -1.57 -12.28 -14.01
C VAL A 358 -2.09 -13.65 -13.53
N VAL A 359 -2.43 -13.73 -12.24
CA VAL A 359 -2.87 -14.97 -11.61
C VAL A 359 -4.13 -14.70 -10.79
N PRO A 360 -5.28 -14.52 -11.48
CA PRO A 360 -6.44 -14.00 -10.73
C PRO A 360 -7.00 -14.95 -9.67
N TRP A 361 -6.91 -16.27 -9.90
CA TRP A 361 -7.36 -17.24 -8.91
C TRP A 361 -6.58 -17.14 -7.60
N GLY A 362 -5.36 -16.62 -7.66
CA GLY A 362 -4.58 -16.44 -6.43
C GLY A 362 -5.21 -15.40 -5.52
N PHE A 363 -5.99 -14.46 -6.08
CA PHE A 363 -6.62 -13.42 -5.27
C PHE A 363 -7.66 -14.07 -4.37
N ARG A 364 -8.47 -14.96 -4.93
CA ARG A 364 -9.46 -15.69 -4.12
C ARG A 364 -8.79 -16.55 -3.05
N LYS A 365 -7.71 -17.23 -3.40
CA LYS A 365 -6.99 -18.01 -2.40
C LYS A 365 -6.45 -17.15 -1.26
N GLU A 366 -5.88 -16.00 -1.61
CA GLU A 366 -5.36 -15.10 -0.58
C GLU A 366 -6.47 -14.60 0.32
N LEU A 367 -7.60 -14.21 -0.27
CA LEU A 367 -8.71 -13.69 0.55
C LEU A 367 -9.17 -14.75 1.55
N ASN A 368 -9.21 -16.00 1.12
CA ASN A 368 -9.54 -17.09 2.05
C ASN A 368 -8.49 -17.30 3.14
N TRP A 369 -7.20 -17.21 2.80
CA TRP A 369 -6.14 -17.36 3.80
C TRP A 369 -6.28 -16.28 4.87
N ILE A 370 -6.56 -15.05 4.47
CA ILE A 370 -6.79 -13.93 5.40
C ILE A 370 -8.02 -14.16 6.26
N LYS A 371 -9.11 -14.61 5.62
CA LYS A 371 -10.34 -14.89 6.37
C LYS A 371 -10.06 -15.88 7.51
N ASN A 372 -9.32 -16.94 7.18
CA ASN A 372 -9.11 -17.99 8.15
C ASN A 372 -8.09 -17.62 9.24
N GLU A 373 -7.08 -16.85 8.87
CA GLU A 373 -6.02 -16.50 9.81
C GLU A 373 -6.46 -15.44 10.81
N TYR A 374 -7.25 -14.49 10.33
CA TYR A 374 -7.58 -13.30 11.11
C TYR A 374 -9.05 -13.19 11.49
N ASN A 375 -9.79 -14.31 11.40
CA ASN A 375 -11.19 -14.34 11.80
C ASN A 375 -12.07 -13.40 10.99
N ASN A 376 -11.87 -13.43 9.68
CA ASN A 376 -12.74 -12.69 8.76
C ASN A 376 -12.90 -11.20 9.07
N PRO A 377 -11.79 -10.46 9.16
CA PRO A 377 -11.89 -9.02 9.34
C PRO A 377 -12.54 -8.35 8.12
N PRO A 378 -13.13 -7.17 8.30
CA PRO A 378 -13.55 -6.42 7.12
C PRO A 378 -12.30 -6.05 6.31
N VAL A 379 -12.31 -6.41 5.02
CA VAL A 379 -11.18 -6.16 4.12
C VAL A 379 -11.55 -5.15 3.02
N PHE A 380 -10.73 -4.12 2.87
CA PHE A 380 -10.91 -3.12 1.82
C PHE A 380 -9.72 -3.31 0.89
N ILE A 381 -9.97 -3.61 -0.38
CA ILE A 381 -8.88 -3.78 -1.34
C ILE A 381 -8.41 -2.38 -1.73
N THR A 382 -7.28 -1.97 -1.18
CA THR A 382 -6.79 -0.61 -1.39
C THR A 382 -5.91 -0.43 -2.63
N GLU A 383 -5.39 -1.53 -3.17
CA GLU A 383 -4.70 -1.51 -4.47
C GLU A 383 -4.85 -2.85 -5.18
N ASN A 384 -5.06 -2.77 -6.50
CA ASN A 384 -5.05 -3.93 -7.39
C ASN A 384 -4.98 -3.32 -8.78
N GLY A 385 -4.02 -3.73 -9.60
CA GLY A 385 -3.90 -3.16 -10.94
C GLY A 385 -2.76 -3.80 -11.72
N PHE A 386 -2.56 -3.25 -12.92
CA PHE A 386 -1.81 -3.91 -13.98
C PHE A 386 -0.97 -2.91 -14.77
N SER A 387 0.21 -3.34 -15.22
CA SER A 387 1.10 -2.48 -16.00
C SER A 387 1.19 -2.85 -17.47
N ASP A 388 1.28 -1.81 -18.29
CA ASP A 388 1.66 -1.95 -19.69
C ASP A 388 2.62 -0.79 -20.00
N TYR A 389 3.07 -0.68 -21.25
CA TYR A 389 4.03 0.37 -21.59
C TYR A 389 3.38 1.61 -22.19
N GLY A 390 2.06 1.58 -22.34
CA GLY A 390 1.35 2.67 -22.98
C GLY A 390 0.18 2.14 -23.77
N GLY A 391 -0.64 3.06 -24.28
CA GLY A 391 -1.79 2.67 -25.08
C GLY A 391 -3.13 2.89 -24.39
N LEU A 392 -4.12 3.26 -25.19
CA LEU A 392 -5.47 3.45 -24.69
C LEU A 392 -6.32 2.19 -24.81
N ASN A 393 -6.01 1.32 -25.77
CA ASN A 393 -6.83 0.12 -25.96
C ASN A 393 -6.19 -0.96 -25.10
N ASP A 394 -6.35 -0.79 -23.78
CA ASP A 394 -5.60 -1.60 -22.83
C ASP A 394 -6.32 -2.88 -22.45
N THR A 395 -6.37 -3.80 -23.43
CA THR A 395 -7.10 -5.04 -23.27
C THR A 395 -6.59 -5.87 -22.10
N GLY A 396 -5.28 -5.88 -21.91
CA GLY A 396 -4.70 -6.66 -20.82
C GLY A 396 -5.14 -6.13 -19.46
N ARG A 397 -5.19 -4.81 -19.32
CA ARG A 397 -5.68 -4.18 -18.10
C ARG A 397 -7.18 -4.46 -17.90
N VAL A 398 -7.97 -4.37 -18.97
CA VAL A 398 -9.40 -4.68 -18.86
C VAL A 398 -9.59 -6.10 -18.33
N HIS A 399 -8.89 -7.06 -18.93
CA HIS A 399 -8.94 -8.48 -18.52
C HIS A 399 -8.47 -8.66 -17.07
N TYR A 400 -7.42 -7.94 -16.71
CA TYR A 400 -6.91 -8.04 -15.35
C TYR A 400 -8.00 -7.62 -14.36
N TYR A 401 -8.63 -6.47 -14.59
CA TYR A 401 -9.64 -5.99 -13.66
C TYR A 401 -10.87 -6.90 -13.63
N THR A 402 -11.38 -7.27 -14.80
CA THR A 402 -12.59 -8.10 -14.81
C THR A 402 -12.35 -9.45 -14.13
N GLU A 403 -11.21 -10.07 -14.38
CA GLU A 403 -10.89 -11.35 -13.73
C GLU A 403 -10.70 -11.18 -12.21
N HIS A 404 -9.95 -10.17 -11.78
CA HIS A 404 -9.77 -10.03 -10.33
C HIS A 404 -11.06 -9.68 -9.61
N LEU A 405 -11.89 -8.83 -10.23
CA LEU A 405 -13.18 -8.54 -9.61
C LEU A 405 -14.08 -9.77 -9.55
N LYS A 406 -14.08 -10.59 -10.60
CA LYS A 406 -14.84 -11.84 -10.56
C LYS A 406 -14.38 -12.74 -9.41
N GLU A 407 -13.07 -12.84 -9.21
CA GLU A 407 -12.51 -13.71 -8.18
C GLU A 407 -12.85 -13.18 -6.79
N MET A 408 -12.75 -11.87 -6.62
CA MET A 408 -13.17 -11.23 -5.38
C MET A 408 -14.66 -11.45 -5.07
N LEU A 409 -15.49 -11.34 -6.10
CA LEU A 409 -16.92 -11.57 -5.91
C LEU A 409 -17.24 -13.00 -5.54
N LYS A 410 -16.48 -13.96 -6.07
CA LYS A 410 -16.61 -15.34 -5.60
C LYS A 410 -16.20 -15.49 -4.14
N ALA A 411 -15.10 -14.83 -3.76
CA ALA A 411 -14.67 -14.84 -2.37
C ALA A 411 -15.80 -14.32 -1.47
N ILE A 412 -16.45 -13.24 -1.90
CA ILE A 412 -17.54 -12.67 -1.11
C ILE A 412 -18.76 -13.60 -1.04
N HIS A 413 -19.24 -13.96 -2.22
CA HIS A 413 -20.53 -14.65 -2.30
C HIS A 413 -20.47 -16.13 -2.00
N GLU A 414 -19.45 -16.81 -2.52
CA GLU A 414 -19.31 -18.25 -2.35
C GLU A 414 -18.53 -18.62 -1.10
N ASP A 415 -17.57 -17.79 -0.70
CA ASP A 415 -16.69 -18.16 0.40
C ASP A 415 -16.95 -17.40 1.70
N GLY A 416 -17.80 -16.39 1.65
CA GLY A 416 -18.17 -15.63 2.85
C GLY A 416 -17.10 -14.69 3.38
N VAL A 417 -16.19 -14.26 2.51
CA VAL A 417 -15.14 -13.33 2.93
C VAL A 417 -15.71 -11.90 3.01
N ASN A 418 -15.46 -11.21 4.13
CA ASN A 418 -16.05 -9.88 4.34
C ASN A 418 -15.29 -8.74 3.65
N VAL A 419 -15.28 -8.76 2.32
CA VAL A 419 -14.66 -7.67 1.55
C VAL A 419 -15.70 -6.56 1.42
N ILE A 420 -15.31 -5.34 1.81
CA ILE A 420 -16.23 -4.21 1.92
C ILE A 420 -15.98 -3.07 0.94
N GLY A 421 -14.87 -3.12 0.22
CA GLY A 421 -14.59 -2.06 -0.76
C GLY A 421 -13.41 -2.41 -1.63
N TYR A 422 -13.25 -1.64 -2.70
CA TYR A 422 -12.18 -1.87 -3.68
C TYR A 422 -11.88 -0.55 -4.40
N THR A 423 -10.61 -0.12 -4.34
CA THR A 423 -10.15 1.01 -5.14
C THR A 423 -9.11 0.52 -6.15
N ALA A 424 -9.42 0.67 -7.43
CA ALA A 424 -8.51 0.31 -8.51
C ALA A 424 -7.21 1.10 -8.40
N TRP A 425 -6.08 0.42 -8.58
CA TRP A 425 -4.80 1.12 -8.66
C TRP A 425 -4.39 1.18 -10.13
N SER A 426 -4.18 2.35 -10.73
CA SER A 426 -4.35 3.67 -10.10
C SER A 426 -5.22 4.52 -11.02
N LEU A 427 -5.62 5.67 -10.50
CA LEU A 427 -6.46 6.54 -11.30
C LEU A 427 -5.76 6.99 -12.57
N MET A 428 -4.48 7.29 -12.47
CA MET A 428 -3.72 7.85 -13.59
C MET A 428 -2.38 7.14 -13.69
N ASP A 429 -1.76 7.21 -14.87
CA ASP A 429 -0.36 6.83 -14.97
C ASP A 429 0.43 7.70 -13.98
N ASN A 430 1.54 7.17 -13.45
CA ASN A 430 2.23 7.70 -12.27
C ASN A 430 3.72 7.89 -12.50
N PHE A 431 4.37 8.64 -11.62
CA PHE A 431 5.79 8.36 -11.38
C PHE A 431 5.84 7.02 -10.63
N GLU A 432 6.38 6.00 -11.26
CA GLU A 432 6.39 4.63 -10.72
C GLU A 432 7.68 4.30 -9.98
N TRP A 433 8.01 5.15 -9.02
CA TRP A 433 9.15 4.88 -8.14
C TRP A 433 10.42 4.64 -8.98
N LEU A 434 11.18 3.58 -8.70
CA LEU A 434 12.41 3.36 -9.45
C LEU A 434 12.22 3.13 -10.94
N ARG A 435 10.98 2.86 -11.35
CA ARG A 435 10.69 2.62 -12.76
C ARG A 435 10.37 3.92 -13.49
N GLY A 436 10.37 5.06 -12.78
CA GLY A 436 10.11 6.33 -13.47
C GLY A 436 8.77 6.37 -14.17
N TYR A 437 8.78 6.92 -15.39
CA TYR A 437 7.55 6.98 -16.20
C TYR A 437 7.46 5.86 -17.24
N SER A 438 8.27 4.82 -17.05
CA SER A 438 8.37 3.75 -18.04
C SER A 438 7.23 2.73 -17.97
N GLU A 439 6.63 2.56 -16.79
CA GLU A 439 5.54 1.60 -16.60
C GLU A 439 4.25 2.37 -16.35
N LYS A 440 3.16 1.89 -16.95
CA LYS A 440 1.86 2.56 -16.91
C LYS A 440 0.89 1.68 -16.12
N PHE A 441 0.39 2.21 -15.00
CA PHE A 441 -0.59 1.53 -14.16
C PHE A 441 -1.95 2.22 -14.15
N GLY A 442 -2.08 3.33 -14.88
CA GLY A 442 -3.33 4.08 -14.79
C GLY A 442 -4.50 3.52 -15.57
N ILE A 443 -5.69 3.92 -15.13
CA ILE A 443 -6.88 3.74 -15.96
C ILE A 443 -7.13 4.96 -16.85
N TYR A 444 -6.55 6.09 -16.46
CA TYR A 444 -6.45 7.29 -17.30
C TYR A 444 -4.98 7.48 -17.73
N ALA A 445 -4.76 7.71 -19.02
CA ALA A 445 -3.42 8.02 -19.50
C ALA A 445 -3.09 9.49 -19.26
N VAL A 446 -1.82 9.78 -19.02
CA VAL A 446 -1.35 11.15 -18.86
C VAL A 446 -0.15 11.37 -19.78
N ASP A 447 -0.19 12.47 -20.54
CA ASP A 447 0.89 12.82 -21.45
C ASP A 447 1.96 13.60 -20.68
N PHE A 448 3.03 12.92 -20.27
CA PHE A 448 4.09 13.53 -19.48
C PHE A 448 4.99 14.48 -20.27
N GLU A 449 4.71 14.63 -21.57
CA GLU A 449 5.43 15.57 -22.42
C GLU A 449 4.64 16.86 -22.63
N ASP A 450 3.41 16.91 -22.13
CA ASP A 450 2.52 18.04 -22.30
C ASP A 450 2.41 18.74 -20.94
N PRO A 451 2.87 20.00 -20.85
CA PRO A 451 2.88 20.68 -19.56
C PRO A 451 1.52 20.73 -18.88
N ALA A 452 0.44 20.61 -19.66
CA ALA A 452 -0.90 20.64 -19.08
C ALA A 452 -1.31 19.28 -18.51
N ARG A 453 -0.48 18.26 -18.71
CA ARG A 453 -0.74 16.91 -18.19
C ARG A 453 -2.21 16.49 -18.36
N PRO A 454 -2.71 16.46 -19.62
CA PRO A 454 -4.10 16.06 -19.75
C PRO A 454 -4.34 14.60 -19.37
N ARG A 455 -5.48 14.32 -18.73
CA ARG A 455 -5.87 12.95 -18.38
C ARG A 455 -6.88 12.43 -19.41
N ILE A 456 -6.63 11.27 -20.01
CA ILE A 456 -7.50 10.71 -21.05
C ILE A 456 -7.93 9.29 -20.68
N PRO A 457 -9.24 8.97 -20.77
CA PRO A 457 -9.64 7.62 -20.37
C PRO A 457 -9.16 6.52 -21.30
N LYS A 458 -8.60 5.46 -20.72
CA LYS A 458 -8.34 4.22 -21.46
C LYS A 458 -9.61 3.35 -21.50
N GLU A 459 -9.55 2.28 -22.29
CA GLU A 459 -10.68 1.35 -22.32
C GLU A 459 -10.98 0.82 -20.92
N SER A 460 -9.96 0.60 -20.10
CA SER A 460 -10.20 0.13 -18.73
C SER A 460 -11.04 1.10 -17.92
N ALA A 461 -10.79 2.41 -18.10
CA ALA A 461 -11.64 3.39 -17.41
C ALA A 461 -13.11 3.30 -17.82
N LYS A 462 -13.37 3.01 -19.09
CA LYS A 462 -14.74 2.92 -19.59
C LYS A 462 -15.40 1.66 -19.03
N VAL A 463 -14.67 0.55 -19.01
CA VAL A 463 -15.17 -0.71 -18.45
C VAL A 463 -15.42 -0.57 -16.94
N LEU A 464 -14.48 0.05 -16.23
CA LEU A 464 -14.70 0.23 -14.80
C LEU A 464 -15.89 1.15 -14.55
N ALA A 465 -16.10 2.18 -15.38
CA ALA A 465 -17.27 3.05 -15.20
C ALA A 465 -18.55 2.23 -15.40
N GLU A 466 -18.55 1.36 -16.40
CA GLU A 466 -19.69 0.47 -16.65
C GLU A 466 -19.99 -0.45 -15.46
N ILE A 467 -18.94 -1.03 -14.88
CA ILE A 467 -19.06 -1.85 -13.67
C ILE A 467 -19.62 -1.02 -12.50
N MET A 468 -19.08 0.19 -12.31
CA MET A 468 -19.53 1.02 -11.19
C MET A 468 -20.96 1.50 -11.37
N ASN A 469 -21.33 1.75 -12.61
CA ASN A 469 -22.69 2.21 -12.89
C ASN A 469 -23.73 1.10 -12.74
N THR A 470 -23.40 -0.07 -13.26
CA THR A 470 -24.35 -1.19 -13.25
C THR A 470 -24.27 -2.02 -11.97
N ARG A 471 -23.14 -1.90 -11.26
CA ARG A 471 -22.87 -2.64 -10.03
C ARG A 471 -22.80 -4.15 -10.27
N LYS A 472 -22.37 -4.56 -11.46
CA LYS A 472 -22.27 -5.96 -11.82
C LYS A 472 -21.11 -6.13 -12.79
N ILE A 473 -20.65 -7.36 -12.97
CA ILE A 473 -19.70 -7.68 -14.04
C ILE A 473 -20.53 -7.87 -15.30
N PRO A 474 -20.26 -7.08 -16.36
CA PRO A 474 -21.02 -7.24 -17.61
C PRO A 474 -20.93 -8.65 -18.19
N GLU A 475 -22.03 -9.07 -18.80
CA GLU A 475 -22.15 -10.42 -19.34
C GLU A 475 -20.99 -10.84 -20.22
N ARG A 476 -20.48 -9.92 -21.05
CA ARG A 476 -19.43 -10.30 -21.99
C ARG A 476 -18.12 -10.69 -21.31
N PHE A 477 -17.99 -10.40 -20.02
CA PHE A 477 -16.78 -10.78 -19.28
C PHE A 477 -16.99 -12.00 -18.40
N ARG A 478 -18.19 -12.58 -18.41
CA ARG A 478 -18.47 -13.71 -17.56
C ARG A 478 -17.97 -15.01 -18.19
N ASP A 479 -17.69 -16.01 -17.36
CA ASP A 479 -17.18 -17.30 -17.84
C ASP A 479 -18.09 -17.95 -18.88
C1 PNW B . 2.86 -0.90 -5.39
N1 PNW B . 4.39 -7.11 -4.81
O1 PNW B . 3.78 -1.61 -4.57
C2 PNW B . 2.81 0.52 -4.82
O2 PNW B . 2.01 0.54 -3.63
C3 PNW B . 2.27 1.56 -5.79
O3 PNW B . 2.65 2.84 -5.26
C4 PNW B . 2.94 1.33 -7.15
O4 PNW B . 2.35 2.26 -8.07
C5 PNW B . 2.66 -0.11 -7.59
O5 PNW B . 3.45 -0.91 -6.70
C6 PNW B . 3.15 -0.45 -9.00
O6 PNW B . 4.51 -0.08 -9.23
C7 PNW B . 3.90 -2.97 -4.69
O7 PNW B . 5.08 -7.66 -3.94
C8 PNW B . 4.75 -3.60 -3.79
O8 PNW B . 3.84 -7.79 -5.66
C9 PNW B . 4.89 -4.99 -3.80
C10 PNW B . 4.22 -5.72 -4.78
C11 PNW B . 3.34 -5.08 -5.68
C12 PNW B . 3.20 -3.70 -5.66
C1 GOL C . 22.29 -18.80 9.46
O1 GOL C . 23.55 -19.45 9.57
C2 GOL C . 21.69 -19.03 8.08
O2 GOL C . 22.29 -18.17 7.14
C3 GOL C . 21.89 -20.48 7.66
O3 GOL C . 21.02 -20.76 6.57
#